data_3KEI
#
_entry.id   3KEI
#
_cell.length_a   47.200
_cell.length_b   105.100
_cell.length_c   66.300
_cell.angle_alpha   90.00
_cell.angle_beta   97.20
_cell.angle_gamma   90.00
#
_symmetry.space_group_name_H-M   'P 1 21 1'
#
loop_
_entity.id
_entity.type
_entity.pdbx_description
1 polymer 'Glutamate receptor 4'
2 non-polymer 'GLUTAMIC ACID'
3 water water
#
_entity_poly.entity_id   1
_entity_poly.type   'polypeptide(L)'
_entity_poly.pdbx_seq_one_letter_code
;TVVVTTIMESPYVMYKKNHEMFEGNDKYEGYCVDLASEIAKHIGIKYKIAIVPDGKYGARDADTKIWNGMVGELVYGKAE
IAIAPLTITLVREEVIDFSKPFMSLGISIMIKKGTPIESAEDLAKQTEIAYGTVDSGSTKEFFRRSKIAVYEKMWTYMRS
AEPSVFTRTTAEGVARVRKSKGKFAFLLESTMNEYTEQRKPCDTMKVGGNLDSKGYGVATPKGSSLRTPVNLAVLKLSEA
GVLDKLKNKWWYDKGEC
;
_entity_poly.pdbx_strand_id   A,B
#
# COMPACT_ATOMS: atom_id res chain seq x y z
N THR A 1 46.04 48.96 51.62
CA THR A 1 44.69 48.54 51.14
C THR A 1 44.82 47.69 49.88
N VAL A 2 44.24 46.49 49.93
CA VAL A 2 44.36 45.52 48.85
C VAL A 2 43.29 45.81 47.78
N VAL A 3 43.72 45.95 46.53
CA VAL A 3 42.77 46.12 45.42
C VAL A 3 42.21 44.77 45.01
N VAL A 4 40.89 44.65 45.09
CA VAL A 4 40.18 43.43 44.75
C VAL A 4 39.49 43.60 43.40
N THR A 5 39.94 42.85 42.39
CA THR A 5 39.27 42.87 41.09
C THR A 5 38.06 41.93 41.12
N THR A 6 36.96 42.39 40.57
CA THR A 6 35.77 41.58 40.46
C THR A 6 34.94 42.04 39.26
N ILE A 7 33.83 41.37 39.02
CA ILE A 7 33.03 41.60 37.83
C ILE A 7 31.57 41.79 38.24
N MET A 8 30.86 42.67 37.54
CA MET A 8 29.43 42.85 37.76
C MET A 8 28.68 41.67 37.16
N GLU A 9 28.32 40.73 38.02
CA GLU A 9 27.62 39.51 37.62
C GLU A 9 26.71 39.05 38.75
N SER A 10 25.41 38.98 38.48
CA SER A 10 24.44 38.57 39.50
C SER A 10 24.50 37.05 39.72
N PRO A 11 24.39 36.59 40.99
CA PRO A 11 24.25 37.34 42.24
C PRO A 11 25.57 37.56 42.97
N TYR A 12 26.69 37.44 42.25
CA TYR A 12 28.02 37.53 42.85
C TYR A 12 28.37 38.95 43.31
N VAL A 13 28.22 39.89 42.38
CA VAL A 13 28.42 41.31 42.65
C VAL A 13 27.36 42.09 41.89
N MET A 14 26.59 42.88 42.64
CA MET A 14 25.48 43.66 42.11
C MET A 14 25.47 45.02 42.79
N TYR A 15 24.91 46.03 42.10
CA TYR A 15 24.65 47.30 42.74
C TYR A 15 23.51 47.16 43.76
N LYS A 16 23.71 47.72 44.95
CA LYS A 16 22.61 47.86 45.91
C LYS A 16 21.55 48.74 45.29
N LYS A 17 20.31 48.64 45.78
CA LYS A 17 19.27 49.59 45.42
C LYS A 17 19.74 50.95 45.91
N ASN A 18 19.66 51.96 45.04
CA ASN A 18 20.11 53.32 45.35
C ASN A 18 21.61 53.40 45.65
N HIS A 19 22.39 52.62 44.89
CA HIS A 19 23.85 52.54 45.01
C HIS A 19 24.55 53.89 44.88
N GLU A 20 23.94 54.82 44.13
CA GLU A 20 24.52 56.14 43.91
C GLU A 20 24.73 56.91 45.21
N MET A 21 23.97 56.55 46.24
CA MET A 21 24.06 57.26 47.53
C MET A 21 25.12 56.69 48.47
N PHE A 22 25.68 55.54 48.11
CA PHE A 22 26.71 54.87 48.90
C PHE A 22 28.10 55.19 48.36
N GLU A 23 29.12 54.93 49.16
CA GLU A 23 30.51 55.17 48.76
C GLU A 23 31.34 53.88 48.78
N GLY A 24 32.28 53.75 47.84
CA GLY A 24 33.24 52.65 47.82
C GLY A 24 32.59 51.28 47.83
N ASN A 25 33.13 50.38 48.67
CA ASN A 25 32.62 48.99 48.76
C ASN A 25 31.13 48.90 49.08
N ASP A 26 30.60 49.91 49.76
CA ASP A 26 29.22 49.87 50.25
C ASP A 26 28.17 50.12 49.16
N LYS A 27 28.63 50.42 47.94
CA LYS A 27 27.77 50.50 46.76
C LYS A 27 27.28 49.12 46.31
N TYR A 28 27.96 48.07 46.77
CA TYR A 28 27.79 46.71 46.25
C TYR A 28 27.24 45.69 47.24
N GLU A 29 26.57 44.68 46.71
CA GLU A 29 26.12 43.52 47.49
C GLU A 29 26.21 42.25 46.63
N GLY A 30 26.21 41.09 47.29
CA GLY A 30 26.21 39.81 46.58
C GLY A 30 27.10 38.76 47.22
N TYR A 31 27.09 37.57 46.63
CA TYR A 31 27.86 36.43 47.12
C TYR A 31 29.35 36.75 47.30
N CYS A 32 29.95 37.34 46.26
CA CYS A 32 31.38 37.63 46.25
C CYS A 32 31.75 38.86 47.10
N VAL A 33 30.79 39.76 47.29
CA VAL A 33 30.94 40.86 48.25
C VAL A 33 31.02 40.27 49.67
N ASP A 34 30.13 39.33 49.98
CA ASP A 34 30.16 38.64 51.27
C ASP A 34 31.42 37.79 51.43
N LEU A 35 31.79 37.09 50.37
CA LEU A 35 33.03 36.29 50.39
C LEU A 35 34.28 37.16 50.62
N ALA A 36 34.34 38.32 49.96
CA ALA A 36 35.44 39.26 50.17
C ALA A 36 35.52 39.71 51.63
N SER A 37 34.36 40.02 52.22
CA SER A 37 34.32 40.43 53.62
C SER A 37 34.84 39.32 54.55
N GLU A 38 34.40 38.08 54.29
CA GLU A 38 34.80 36.92 55.09
C GLU A 38 36.29 36.61 55.00
N ILE A 39 36.82 36.63 53.78
CA ILE A 39 38.25 36.38 53.58
C ILE A 39 39.11 37.45 54.24
N ALA A 40 38.78 38.72 54.00
CA ALA A 40 39.49 39.85 54.61
C ALA A 40 39.51 39.80 56.13
N LYS A 41 38.40 39.36 56.71
CA LYS A 41 38.31 39.17 58.16
C LYS A 41 39.25 38.07 58.64
N HIS A 42 39.31 36.96 57.90
CA HIS A 42 40.16 35.83 58.27
C HIS A 42 41.65 36.13 58.11
N ILE A 43 42.02 36.87 57.07
CA ILE A 43 43.43 37.09 56.75
C ILE A 43 43.95 38.47 57.20
N GLY A 44 43.05 39.30 57.71
CA GLY A 44 43.39 40.58 58.32
C GLY A 44 43.87 41.65 57.34
N ILE A 45 43.06 41.92 56.33
CA ILE A 45 43.38 42.92 55.31
C ILE A 45 42.28 43.96 55.11
N LYS A 46 42.70 45.17 54.74
CA LYS A 46 41.77 46.20 54.25
C LYS A 46 41.73 46.08 52.74
N TYR A 47 40.58 46.31 52.14
CA TYR A 47 40.44 46.10 50.70
C TYR A 47 39.50 47.11 50.04
N LYS A 48 39.71 47.33 48.74
CA LYS A 48 38.85 48.17 47.94
C LYS A 48 38.42 47.39 46.70
N ILE A 49 37.11 47.28 46.51
CA ILE A 49 36.53 46.62 45.33
C ILE A 49 36.71 47.52 44.10
N ALA A 50 37.29 46.95 43.05
CA ALA A 50 37.42 47.63 41.78
C ALA A 50 36.86 46.76 40.67
N ILE A 51 35.73 47.18 40.10
CA ILE A 51 35.09 46.45 39.01
C ILE A 51 36.02 46.48 37.80
N VAL A 52 36.29 45.31 37.23
CA VAL A 52 37.17 45.18 36.08
C VAL A 52 36.77 46.15 34.94
N PRO A 53 37.69 47.06 34.58
CA PRO A 53 37.41 48.09 33.55
C PRO A 53 36.79 47.58 32.25
N ASP A 54 37.32 46.50 31.69
CA ASP A 54 36.83 46.00 30.39
C ASP A 54 35.63 45.04 30.47
N GLY A 55 35.25 44.67 31.69
CA GLY A 55 34.06 43.85 31.94
C GLY A 55 34.18 42.39 31.55
N LYS A 56 35.42 41.91 31.45
CA LYS A 56 35.70 40.55 30.99
C LYS A 56 36.25 39.67 32.10
N TYR A 57 36.05 38.36 31.96
CA TYR A 57 36.60 37.41 32.91
C TYR A 57 38.11 37.29 32.72
N GLY A 58 38.51 36.93 31.50
CA GLY A 58 39.94 36.94 31.19
C GLY A 58 40.38 35.90 30.19
N ALA A 59 40.90 36.39 29.07
CA ALA A 59 41.45 35.55 28.02
C ALA A 59 42.71 36.19 27.43
N ARG A 60 43.55 35.37 26.83
CA ARG A 60 44.79 35.85 26.22
C ARG A 60 44.63 36.04 24.72
N ASP A 61 45.04 37.20 24.23
CA ASP A 61 44.94 37.51 22.81
C ASP A 61 45.95 36.70 22.00
N ALA A 62 45.44 35.72 21.26
CA ALA A 62 46.30 34.87 20.43
C ALA A 62 47.15 35.70 19.48
N ASP A 63 46.95 37.01 19.50
CA ASP A 63 47.70 37.91 18.64
C ASP A 63 48.75 38.70 19.43
N THR A 64 48.28 39.55 20.34
CA THR A 64 49.18 40.35 21.15
C THR A 64 49.66 39.57 22.37
N LYS A 65 48.98 38.48 22.69
CA LYS A 65 49.33 37.64 23.83
C LYS A 65 49.07 38.37 25.14
N ILE A 66 48.33 39.47 25.07
CA ILE A 66 48.00 40.25 26.25
C ILE A 66 46.73 39.72 26.90
N TRP A 67 46.80 39.49 28.22
CA TRP A 67 45.66 39.07 29.00
C TRP A 67 44.71 40.21 29.27
N ASN A 68 43.42 39.99 29.02
CA ASN A 68 42.38 40.97 29.33
C ASN A 68 41.59 40.56 30.58
N GLY A 69 40.58 41.35 30.93
CA GLY A 69 39.68 41.00 32.03
C GLY A 69 40.35 40.95 33.39
N MET A 70 39.73 40.24 34.32
CA MET A 70 40.25 40.13 35.69
C MET A 70 41.61 39.46 35.73
N VAL A 71 41.81 38.48 34.85
CA VAL A 71 43.11 37.82 34.74
C VAL A 71 44.18 38.87 34.42
N GLY A 72 43.88 39.71 33.43
CA GLY A 72 44.77 40.82 33.06
C GLY A 72 45.10 41.73 34.22
N GLU A 73 44.09 42.11 35.00
CA GLU A 73 44.30 43.02 36.15
C GLU A 73 45.34 42.47 37.13
N LEU A 74 45.29 41.16 37.36
CA LEU A 74 46.27 40.48 38.22
C LEU A 74 47.66 40.38 37.57
N VAL A 75 47.67 39.91 36.31
CA VAL A 75 48.92 39.65 35.58
C VAL A 75 49.79 40.91 35.47
N TYR A 76 49.15 42.05 35.24
CA TYR A 76 49.86 43.32 35.04
C TYR A 76 49.92 44.21 36.28
N GLY A 77 49.52 43.65 37.43
CA GLY A 77 49.71 44.29 38.73
C GLY A 77 48.75 45.43 39.06
N LYS A 78 47.60 45.44 38.41
CA LYS A 78 46.56 46.45 38.67
C LYS A 78 45.62 46.08 39.82
N ALA A 79 45.71 44.83 40.27
CA ALA A 79 44.89 44.31 41.36
C ALA A 79 45.68 43.24 42.09
N GLU A 80 45.39 43.06 43.37
CA GLU A 80 46.16 42.14 44.20
C GLU A 80 45.44 40.81 44.43
N ILE A 81 44.13 40.82 44.19
CA ILE A 81 43.32 39.62 44.36
C ILE A 81 42.07 39.71 43.49
N ALA A 82 41.62 38.56 42.99
CA ALA A 82 40.35 38.47 42.29
C ALA A 82 39.37 37.62 43.09
N ILE A 83 38.25 38.24 43.47
CA ILE A 83 37.18 37.54 44.20
C ILE A 83 35.91 37.65 43.36
N ALA A 84 35.69 36.59 42.58
CA ALA A 84 34.70 36.60 41.51
C ALA A 84 34.43 35.15 41.09
N PRO A 85 33.34 34.92 40.32
CA PRO A 85 33.15 33.58 39.72
C PRO A 85 34.17 33.32 38.59
N LEU A 86 35.44 33.17 38.96
CA LEU A 86 36.52 33.00 38.02
C LEU A 86 36.93 31.54 38.02
N THR A 87 36.77 30.91 36.86
CA THR A 87 36.99 29.48 36.73
C THR A 87 38.49 29.14 36.75
N ILE A 88 38.82 28.11 37.53
CA ILE A 88 40.15 27.54 37.59
C ILE A 88 40.41 26.76 36.30
N THR A 89 41.39 27.22 35.53
CA THR A 89 41.75 26.58 34.26
C THR A 89 43.27 26.44 34.12
N LEU A 90 43.70 25.52 33.26
CA LEU A 90 45.13 25.31 32.99
C LEU A 90 45.84 26.59 32.52
N VAL A 91 45.30 27.22 31.50
CA VAL A 91 45.93 28.42 30.92
C VAL A 91 46.05 29.57 31.92
N ARG A 92 45.04 29.73 32.78
CA ARG A 92 45.09 30.74 33.83
C ARG A 92 46.07 30.37 34.94
N GLU A 93 46.10 29.10 35.31
CA GLU A 93 47.00 28.58 36.35
C GLU A 93 48.48 28.78 35.97
N GLU A 94 48.76 28.89 34.68
CA GLU A 94 50.12 29.13 34.19
C GLU A 94 50.60 30.57 34.44
N VAL A 95 49.67 31.49 34.68
CA VAL A 95 50.01 32.91 34.87
C VAL A 95 49.55 33.55 36.19
N ILE A 96 48.58 32.92 36.86
CA ILE A 96 48.12 33.35 38.18
C ILE A 96 47.93 32.14 39.10
N ASP A 97 47.72 32.39 40.39
CA ASP A 97 47.42 31.30 41.34
C ASP A 97 45.95 31.33 41.72
N PHE A 98 45.40 30.17 42.07
CA PHE A 98 44.01 30.03 42.52
C PHE A 98 43.98 29.29 43.84
N SER A 99 43.06 29.71 44.71
CA SER A 99 42.72 28.93 45.89
C SER A 99 42.03 27.65 45.43
N LYS A 100 41.94 26.67 46.31
CA LYS A 100 41.00 25.56 46.10
C LYS A 100 39.58 26.13 45.88
N PRO A 101 38.71 25.39 45.16
CA PRO A 101 37.40 25.91 44.76
C PRO A 101 36.52 26.36 45.92
N PHE A 102 35.90 27.54 45.78
CA PHE A 102 34.85 27.95 46.71
C PHE A 102 33.45 27.57 46.22
N MET A 103 33.36 27.17 44.95
CA MET A 103 32.10 26.76 44.34
C MET A 103 32.39 25.76 43.23
N SER A 104 31.54 24.74 43.13
CA SER A 104 31.63 23.70 42.11
C SER A 104 30.51 23.87 41.08
N LEU A 105 30.86 23.68 39.80
CA LEU A 105 29.95 23.99 38.70
C LEU A 105 30.35 23.27 37.41
N GLY A 106 29.50 23.42 36.39
CA GLY A 106 29.84 22.93 35.06
C GLY A 106 29.09 23.74 34.00
N ILE A 107 29.53 23.65 32.75
CA ILE A 107 28.83 24.30 31.65
C ILE A 107 27.44 23.67 31.50
N SER A 108 26.45 24.50 31.19
CA SER A 108 25.07 24.05 31.10
C SER A 108 24.34 24.78 29.97
N ILE A 109 23.11 24.34 29.69
CA ILE A 109 22.31 24.93 28.61
C ILE A 109 21.12 25.69 29.20
N MET A 110 20.98 26.95 28.78
CA MET A 110 19.81 27.75 29.14
C MET A 110 18.90 27.90 27.93
N ILE A 111 17.61 27.64 28.15
CA ILE A 111 16.61 27.82 27.10
C ILE A 111 15.44 28.68 27.58
N LYS A 112 14.73 29.28 26.62
CA LYS A 112 13.42 29.85 26.93
C LYS A 112 12.47 28.68 27.13
N LYS A 113 11.63 28.75 28.16
CA LYS A 113 10.69 27.68 28.45
C LYS A 113 9.93 27.25 27.19
N GLY A 114 9.92 25.94 26.94
CA GLY A 114 9.20 25.37 25.81
C GLY A 114 10.05 25.09 24.59
N THR A 115 11.30 25.53 24.61
CA THR A 115 12.24 25.24 23.51
C THR A 115 12.47 23.72 23.45
N PRO A 116 12.28 23.13 22.25
CA PRO A 116 12.46 21.67 22.11
C PRO A 116 13.92 21.24 22.09
N ILE A 117 14.61 21.50 23.21
CA ILE A 117 16.02 21.13 23.38
C ILE A 117 16.16 20.62 24.81
N GLU A 118 16.81 19.48 24.97
CA GLU A 118 17.08 18.91 26.29
C GLU A 118 18.53 18.47 26.51
N SER A 119 19.39 18.70 25.50
CA SER A 119 20.78 18.24 25.55
C SER A 119 21.66 18.95 24.53
N ALA A 120 22.97 18.79 24.70
CA ALA A 120 23.95 19.31 23.76
C ALA A 120 23.83 18.60 22.42
N GLU A 121 23.54 17.30 22.46
CA GLU A 121 23.29 16.56 21.22
C GLU A 121 22.11 17.13 20.44
N ASP A 122 21.04 17.51 21.16
CA ASP A 122 19.86 18.13 20.57
C ASP A 122 20.19 19.42 19.84
N LEU A 123 21.05 20.24 20.45
CA LEU A 123 21.50 21.48 19.81
C LEU A 123 22.31 21.20 18.54
N ALA A 124 23.25 20.28 18.63
CA ALA A 124 24.22 20.01 17.55
C ALA A 124 23.60 19.39 16.30
N LYS A 125 22.50 18.65 16.47
CA LYS A 125 21.86 17.97 15.33
C LYS A 125 20.81 18.81 14.59
N GLN A 126 20.68 20.09 14.96
CA GLN A 126 19.74 21.00 14.32
C GLN A 126 20.36 22.37 14.01
N THR A 127 19.62 23.19 13.25
CA THR A 127 20.09 24.51 12.81
C THR A 127 19.05 25.61 13.04
N GLU A 128 17.83 25.22 13.39
CA GLU A 128 16.73 26.18 13.57
C GLU A 128 16.97 27.09 14.79
N ILE A 129 17.53 26.53 15.85
CA ILE A 129 17.81 27.28 17.07
C ILE A 129 19.29 27.60 17.15
N ALA A 130 19.60 28.89 17.24
CA ALA A 130 20.98 29.36 17.39
C ALA A 130 21.43 29.23 18.84
N TYR A 131 22.74 29.22 19.05
CA TYR A 131 23.29 29.12 20.40
C TYR A 131 24.70 29.65 20.48
N GLY A 132 25.06 30.25 21.61
CA GLY A 132 26.37 30.82 21.78
C GLY A 132 26.84 30.82 23.22
N THR A 133 27.93 31.55 23.47
CA THR A 133 28.55 31.67 24.79
C THR A 133 28.99 33.10 25.01
N VAL A 134 29.40 33.43 26.23
CA VAL A 134 30.04 34.72 26.49
C VAL A 134 31.48 34.72 25.92
N ASP A 135 31.95 35.89 25.53
CA ASP A 135 33.32 36.07 25.07
C ASP A 135 34.30 36.03 26.24
N SER A 136 35.56 35.75 25.93
CA SER A 136 36.69 35.98 26.85
C SER A 136 36.61 35.19 28.16
N GLY A 137 36.05 33.99 28.09
CA GLY A 137 35.91 33.16 29.29
C GLY A 137 36.23 31.70 29.07
N SER A 138 36.00 30.90 30.10
CA SER A 138 36.31 29.48 30.08
C SER A 138 35.34 28.64 29.25
N THR A 139 34.10 29.12 29.11
CA THR A 139 33.10 28.39 28.35
C THR A 139 33.41 28.40 26.84
N LYS A 140 33.74 29.56 26.30
CA LYS A 140 34.17 29.66 24.91
C LYS A 140 35.41 28.79 24.67
N GLU A 141 36.38 28.87 25.58
CA GLU A 141 37.60 28.07 25.46
C GLU A 141 37.30 26.57 25.46
N PHE A 142 36.36 26.14 26.32
CA PHE A 142 35.93 24.74 26.39
C PHE A 142 35.55 24.19 25.01
N PHE A 143 34.71 24.92 24.27
CA PHE A 143 34.28 24.48 22.95
C PHE A 143 35.41 24.53 21.92
N ARG A 144 36.20 25.59 21.98
CA ARG A 144 37.39 25.74 21.14
C ARG A 144 38.33 24.54 21.23
N ARG A 145 38.51 24.04 22.45
CA ARG A 145 39.53 23.04 22.74
C ARG A 145 39.02 21.58 22.75
N SER A 146 37.70 21.42 22.78
CA SER A 146 37.12 20.08 22.91
C SER A 146 37.41 19.18 21.71
N LYS A 147 37.71 17.92 21.99
CA LYS A 147 37.82 16.88 20.95
C LYS A 147 36.68 15.88 21.05
N ILE A 148 35.69 16.21 21.86
CA ILE A 148 34.46 15.41 21.93
C ILE A 148 33.58 15.80 20.74
N ALA A 149 33.19 14.79 19.96
CA ALA A 149 32.47 14.98 18.69
C ALA A 149 31.32 15.99 18.75
N VAL A 150 30.41 15.81 19.71
CA VAL A 150 29.25 16.70 19.83
C VAL A 150 29.69 18.17 20.03
N TYR A 151 30.69 18.38 20.89
CA TYR A 151 31.14 19.73 21.22
C TYR A 151 31.99 20.35 20.09
N GLU A 152 32.68 19.50 19.34
CA GLU A 152 33.42 19.92 18.14
C GLU A 152 32.48 20.45 17.07
N LYS A 153 31.35 19.77 16.91
CA LYS A 153 30.33 20.18 15.96
C LYS A 153 29.74 21.54 16.35
N MET A 154 29.47 21.69 17.65
CA MET A 154 28.92 22.93 18.19
C MET A 154 29.88 24.11 18.01
N TRP A 155 31.17 23.86 18.24
CA TRP A 155 32.21 24.86 18.04
C TRP A 155 32.32 25.28 16.57
N THR A 156 32.35 24.30 15.68
CA THR A 156 32.46 24.56 14.24
C THR A 156 31.33 25.48 13.77
N TYR A 157 30.11 25.23 14.27
CA TYR A 157 28.96 26.12 14.03
C TYR A 157 29.14 27.52 14.66
N MET A 158 29.37 27.58 15.96
CA MET A 158 29.41 28.85 16.68
C MET A 158 30.52 29.79 16.18
N ARG A 159 31.68 29.22 15.88
CA ARG A 159 32.86 29.98 15.43
C ARG A 159 32.59 30.78 14.14
N SER A 160 31.75 30.24 13.28
CA SER A 160 31.46 30.85 11.97
C SER A 160 30.03 31.41 11.83
N ALA A 161 29.25 31.37 12.90
CA ALA A 161 27.85 31.83 12.83
C ALA A 161 27.71 33.34 12.57
N GLU A 162 26.70 33.68 11.76
CA GLU A 162 26.39 35.07 11.39
C GLU A 162 24.90 35.30 11.58
N PRO A 163 24.51 36.35 12.32
CA PRO A 163 25.35 37.29 13.05
C PRO A 163 25.97 36.56 14.25
N SER A 164 26.96 37.17 14.87
CA SER A 164 27.69 36.55 15.98
C SER A 164 26.76 35.98 17.06
N VAL A 165 27.10 34.79 17.55
CA VAL A 165 26.35 34.16 18.64
C VAL A 165 27.02 34.40 19.99
N PHE A 166 28.19 35.03 19.97
CA PHE A 166 28.94 35.30 21.18
C PHE A 166 28.62 36.67 21.74
N THR A 167 28.38 36.72 23.04
CA THR A 167 27.94 37.94 23.68
C THR A 167 29.04 38.54 24.56
N ARG A 168 28.98 39.85 24.76
CA ARG A 168 29.99 40.54 25.58
C ARG A 168 29.89 40.16 27.05
N THR A 169 28.65 39.98 27.51
CA THR A 169 28.37 39.63 28.90
C THR A 169 27.37 38.48 28.98
N THR A 170 27.32 37.87 30.17
CA THR A 170 26.32 36.86 30.49
C THR A 170 24.90 37.43 30.36
N ALA A 171 24.69 38.63 30.92
CA ALA A 171 23.38 39.29 30.88
C ALA A 171 22.85 39.48 29.45
N GLU A 172 23.76 39.81 28.53
CA GLU A 172 23.42 39.94 27.12
C GLU A 172 22.95 38.61 26.52
N GLY A 173 23.59 37.51 26.93
CA GLY A 173 23.20 36.17 26.48
C GLY A 173 21.81 35.81 27.00
N VAL A 174 21.58 36.07 28.28
CA VAL A 174 20.28 35.81 28.92
C VAL A 174 19.16 36.61 28.25
N ALA A 175 19.37 37.91 28.05
CA ALA A 175 18.41 38.78 27.35
C ALA A 175 18.10 38.26 25.94
N ARG A 176 19.13 37.80 25.24
CA ARG A 176 18.98 37.23 23.89
C ARG A 176 18.08 35.98 23.91
N VAL A 177 18.29 35.11 24.90
CA VAL A 177 17.41 33.93 25.09
C VAL A 177 15.96 34.39 25.30
N ARG A 178 15.77 35.31 26.20
CA ARG A 178 14.44 35.77 26.55
C ARG A 178 13.70 36.46 25.42
N LYS A 179 14.42 37.12 24.54
CA LYS A 179 13.83 37.91 23.49
C LYS A 179 13.64 37.16 22.16
N SER A 180 14.20 35.99 22.06
CA SER A 180 14.31 35.33 20.79
C SER A 180 13.27 34.24 20.48
N LYS A 181 12.25 34.09 21.30
CA LYS A 181 11.11 33.20 21.06
C LYS A 181 11.46 31.72 20.90
N GLY A 182 12.46 31.27 21.66
CA GLY A 182 12.95 29.89 21.60
C GLY A 182 13.98 29.62 20.52
N LYS A 183 14.32 30.65 19.74
CA LYS A 183 15.30 30.49 18.64
C LYS A 183 16.76 30.79 19.03
N PHE A 184 17.01 31.06 20.31
CA PHE A 184 18.38 31.16 20.82
C PHE A 184 18.51 30.45 22.15
N ALA A 185 19.54 29.63 22.28
CA ALA A 185 19.90 29.00 23.54
C ALA A 185 21.28 29.50 23.96
N PHE A 186 21.55 29.53 25.26
CA PHE A 186 22.80 30.11 25.74
C PHE A 186 23.56 29.10 26.58
N LEU A 187 24.85 28.97 26.30
CA LEU A 187 25.72 28.07 27.03
C LEU A 187 26.46 28.85 28.10
N LEU A 188 26.20 28.49 29.35
CA LEU A 188 26.77 29.22 30.49
C LEU A 188 26.90 28.27 31.68
N GLU A 189 27.63 28.72 32.69
CA GLU A 189 27.89 27.86 33.84
C GLU A 189 26.63 27.63 34.67
N SER A 190 26.52 26.44 35.22
CA SER A 190 25.31 25.97 35.93
C SER A 190 24.85 26.94 37.01
N THR A 191 25.82 27.54 37.70
CA THR A 191 25.58 28.51 38.77
C THR A 191 24.77 29.71 38.29
N MET A 192 25.21 30.32 37.20
CA MET A 192 24.52 31.48 36.65
C MET A 192 23.16 31.08 36.06
N ASN A 193 23.11 29.89 35.46
CA ASN A 193 21.87 29.32 34.90
C ASN A 193 20.81 29.12 35.99
N GLU A 194 21.22 28.45 37.07
CA GLU A 194 20.35 28.19 38.24
C GLU A 194 19.82 29.46 38.87
N TYR A 195 20.67 30.49 38.92
CA TYR A 195 20.28 31.76 39.48
C TYR A 195 19.15 32.38 38.67
N THR A 196 19.40 32.52 37.37
CA THR A 196 18.46 33.13 36.43
C THR A 196 17.10 32.42 36.43
N GLU A 197 17.11 31.10 36.57
CA GLU A 197 15.89 30.30 36.62
C GLU A 197 14.95 30.69 37.78
N GLN A 198 15.51 31.30 38.83
CA GLN A 198 14.71 31.72 39.98
C GLN A 198 14.48 33.24 40.04
N ARG A 199 14.62 33.88 38.89
CA ARG A 199 14.43 35.33 38.76
C ARG A 199 13.30 35.61 37.77
N LYS A 200 12.46 36.60 38.11
CA LYS A 200 11.37 37.04 37.23
C LYS A 200 11.94 37.54 35.90
N PRO A 201 11.20 37.33 34.79
CA PRO A 201 9.84 36.77 34.68
C PRO A 201 9.74 35.24 34.61
N CYS A 202 10.75 34.52 35.12
CA CYS A 202 10.68 33.05 35.27
C CYS A 202 10.41 32.35 33.95
N ASP A 203 11.08 32.80 32.89
CA ASP A 203 10.81 32.33 31.54
C ASP A 203 11.94 31.49 30.97
N THR A 204 12.98 31.26 31.78
CA THR A 204 14.13 30.47 31.37
C THR A 204 14.29 29.23 32.24
N MET A 205 15.01 28.24 31.74
CA MET A 205 15.39 27.09 32.56
C MET A 205 16.63 26.39 32.04
N LYS A 206 17.28 25.69 32.97
CA LYS A 206 18.43 24.84 32.65
C LYS A 206 17.92 23.48 32.19
N VAL A 207 18.51 22.99 31.10
CA VAL A 207 18.16 21.66 30.57
C VAL A 207 19.39 20.76 30.45
N GLY A 208 19.19 19.47 30.73
CA GLY A 208 20.24 18.47 30.66
C GLY A 208 21.21 18.52 31.83
N GLY A 209 22.21 17.65 31.79
CA GLY A 209 23.26 17.65 32.81
C GLY A 209 24.36 18.63 32.42
N ASN A 210 25.27 18.89 33.35
CA ASN A 210 26.43 19.72 33.06
C ASN A 210 27.41 19.04 32.09
N LEU A 211 28.06 19.85 31.25
CA LEU A 211 28.98 19.33 30.25
C LEU A 211 30.36 19.00 30.83
N ASP A 212 30.68 19.61 31.96
CA ASP A 212 31.94 19.36 32.66
C ASP A 212 31.81 19.52 34.17
N SER A 213 32.93 19.31 34.88
CA SER A 213 32.97 19.45 36.33
C SER A 213 34.23 20.22 36.70
N LYS A 214 34.04 21.38 37.32
CA LYS A 214 35.16 22.27 37.66
C LYS A 214 34.81 23.18 38.84
N GLY A 215 35.62 24.23 39.06
CA GLY A 215 35.45 25.10 40.22
C GLY A 215 35.86 26.55 40.00
N TYR A 216 35.30 27.44 40.84
CA TYR A 216 35.77 28.82 40.92
C TYR A 216 36.81 28.90 42.04
N GLY A 217 37.85 29.68 41.83
CA GLY A 217 38.85 29.92 42.86
C GLY A 217 39.10 31.41 43.06
N VAL A 218 39.58 31.77 44.25
CA VAL A 218 40.02 33.15 44.52
C VAL A 218 41.46 33.28 44.00
N ALA A 219 41.70 34.24 43.12
CA ALA A 219 42.97 34.30 42.40
C ALA A 219 43.90 35.39 42.91
N THR A 220 45.20 35.11 42.85
CA THR A 220 46.23 36.07 43.26
C THR A 220 47.35 36.06 42.21
N PRO A 221 48.11 37.17 42.08
CA PRO A 221 49.23 37.14 41.14
C PRO A 221 50.35 36.22 41.63
N LYS A 222 51.14 35.66 40.73
CA LYS A 222 52.28 34.82 41.12
C LYS A 222 53.17 35.59 42.09
N GLY A 223 53.63 34.91 43.14
CA GLY A 223 54.52 35.52 44.14
C GLY A 223 53.83 36.30 45.25
N SER A 224 52.50 36.32 45.26
CA SER A 224 51.72 37.02 46.29
C SER A 224 51.86 36.38 47.67
N SER A 225 52.09 37.21 48.68
CA SER A 225 52.09 36.75 50.07
C SER A 225 50.69 36.36 50.55
N LEU A 226 49.67 36.73 49.78
CA LEU A 226 48.28 36.41 50.14
C LEU A 226 47.85 34.99 49.75
N ARG A 227 48.63 34.35 48.89
CA ARG A 227 48.30 33.03 48.33
C ARG A 227 47.86 32.01 49.37
N THR A 228 48.74 31.71 50.34
CA THR A 228 48.45 30.70 51.36
C THR A 228 47.33 31.09 52.34
N PRO A 229 47.39 32.31 52.93
CA PRO A 229 46.26 32.77 53.75
C PRO A 229 44.89 32.69 53.04
N VAL A 230 44.84 33.07 51.76
CA VAL A 230 43.59 33.00 50.99
C VAL A 230 43.11 31.55 50.80
N ASN A 231 44.03 30.66 50.46
CA ASN A 231 43.71 29.24 50.31
C ASN A 231 43.13 28.65 51.61
N LEU A 232 43.83 28.88 52.73
CA LEU A 232 43.36 28.39 54.02
C LEU A 232 42.03 29.00 54.44
N ALA A 233 41.84 30.29 54.13
CA ALA A 233 40.58 30.99 54.42
C ALA A 233 39.40 30.36 53.69
N VAL A 234 39.58 30.04 52.41
CA VAL A 234 38.53 29.39 51.60
C VAL A 234 38.16 28.03 52.20
N LEU A 235 39.17 27.25 52.58
CA LEU A 235 38.93 25.92 53.17
C LEU A 235 38.24 26.03 54.54
N LYS A 236 38.64 27.03 55.34
CA LYS A 236 37.95 27.29 56.61
C LYS A 236 36.47 27.62 56.42
N LEU A 237 36.17 28.51 55.48
CA LEU A 237 34.81 28.91 55.16
C LEU A 237 33.99 27.73 54.60
N SER A 238 34.62 26.93 53.75
CA SER A 238 34.02 25.70 53.24
C SER A 238 33.60 24.79 54.40
N GLU A 239 34.57 24.47 55.25
CA GLU A 239 34.38 23.50 56.32
C GLU A 239 33.42 23.96 57.42
N ALA A 240 33.30 25.27 57.59
CA ALA A 240 32.37 25.86 58.57
C ALA A 240 30.95 26.00 58.04
N GLY A 241 30.75 25.66 56.77
CA GLY A 241 29.41 25.71 56.16
C GLY A 241 29.01 27.09 55.66
N VAL A 242 29.94 28.05 55.76
CA VAL A 242 29.69 29.44 55.38
C VAL A 242 29.44 29.59 53.87
N LEU A 243 30.19 28.85 53.04
CA LEU A 243 29.97 28.85 51.59
C LEU A 243 28.57 28.35 51.20
N ASP A 244 28.10 27.29 51.88
CA ASP A 244 26.73 26.80 51.69
C ASP A 244 25.67 27.82 52.08
N LYS A 245 25.89 28.48 53.22
CA LYS A 245 24.99 29.52 53.70
C LYS A 245 24.89 30.69 52.73
N LEU A 246 26.04 31.11 52.21
CA LEU A 246 26.09 32.19 51.22
C LEU A 246 25.42 31.83 49.90
N LYS A 247 25.61 30.60 49.43
CA LYS A 247 24.90 30.13 48.24
C LYS A 247 23.37 30.14 48.44
N ASN A 248 22.91 29.62 49.58
CA ASN A 248 21.49 29.63 49.90
C ASN A 248 20.92 31.05 49.98
N LYS A 249 21.70 31.96 50.57
CA LYS A 249 21.32 33.36 50.71
C LYS A 249 21.05 34.04 49.36
N TRP A 250 21.96 33.81 48.40
CA TRP A 250 21.95 34.55 47.14
C TRP A 250 21.25 33.88 45.96
N TRP A 251 21.03 32.56 46.06
CA TRP A 251 20.34 31.83 45.00
C TRP A 251 18.88 31.55 45.34
N TYR A 252 18.65 31.03 46.54
CA TYR A 252 17.38 30.39 46.83
C TYR A 252 16.51 31.14 47.84
N ASP A 253 17.15 31.74 48.84
CA ASP A 253 16.44 32.59 49.80
C ASP A 253 15.92 33.72 48.97
N LYS A 254 16.59 33.93 47.85
CA LYS A 254 16.28 35.03 46.97
C LYS A 254 15.59 34.63 45.71
N GLY A 255 14.86 33.54 45.85
CA GLY A 255 14.10 33.03 44.75
C GLY A 255 12.78 33.74 44.51
N GLU A 256 12.44 33.94 43.24
CA GLU A 256 11.22 34.65 42.85
C GLU A 256 10.24 33.80 42.08
N CYS A 257 10.61 32.57 41.80
CA CYS A 257 9.81 31.71 40.93
C CYS A 257 9.13 30.53 41.63
N THR B 1 -45.60 -54.89 -42.21
CA THR B 1 -44.27 -54.22 -42.16
C THR B 1 -44.43 -52.71 -41.91
N VAL B 2 -43.79 -52.24 -40.85
CA VAL B 2 -43.91 -50.85 -40.41
C VAL B 2 -42.98 -49.95 -41.23
N VAL B 3 -43.51 -48.89 -41.83
CA VAL B 3 -42.68 -47.91 -42.53
C VAL B 3 -42.07 -46.95 -41.51
N VAL B 4 -40.74 -46.90 -41.50
CA VAL B 4 -39.98 -46.02 -40.60
C VAL B 4 -39.45 -44.82 -41.37
N THR B 5 -39.95 -43.63 -41.06
CA THR B 5 -39.37 -42.42 -41.66
C THR B 5 -38.13 -42.01 -40.88
N THR B 6 -37.09 -41.65 -41.62
CA THR B 6 -35.86 -41.16 -41.03
C THR B 6 -35.16 -40.23 -42.04
N ILE B 7 -34.03 -39.67 -41.64
CA ILE B 7 -33.35 -38.64 -42.43
C ILE B 7 -31.87 -39.00 -42.55
N MET B 8 -31.27 -38.69 -43.71
CA MET B 8 -29.83 -38.88 -43.90
C MET B 8 -29.07 -37.83 -43.11
N GLU B 9 -28.58 -38.22 -41.95
CA GLU B 9 -27.88 -37.31 -41.05
C GLU B 9 -26.84 -38.08 -40.26
N SER B 10 -25.56 -37.73 -40.43
CA SER B 10 -24.48 -38.41 -39.73
C SER B 10 -24.45 -38.01 -38.25
N PRO B 11 -24.22 -38.98 -37.33
CA PRO B 11 -24.03 -40.41 -37.52
C PRO B 11 -25.31 -41.23 -37.29
N TYR B 12 -26.46 -40.59 -37.39
CA TYR B 12 -27.74 -41.27 -37.09
C TYR B 12 -28.12 -42.28 -38.17
N VAL B 13 -28.10 -41.81 -39.42
CA VAL B 13 -28.37 -42.64 -40.59
C VAL B 13 -27.41 -42.22 -41.70
N MET B 14 -26.64 -43.19 -42.17
CA MET B 14 -25.62 -42.94 -43.19
C MET B 14 -25.65 -44.12 -44.16
N TYR B 15 -25.20 -43.90 -45.39
CA TYR B 15 -24.96 -45.00 -46.31
C TYR B 15 -23.75 -45.81 -45.86
N LYS B 16 -23.87 -47.14 -45.88
CA LYS B 16 -22.72 -48.01 -45.72
C LYS B 16 -21.77 -47.76 -46.89
N LYS B 17 -20.49 -48.08 -46.71
CA LYS B 17 -19.55 -48.09 -47.82
C LYS B 17 -20.07 -49.13 -48.83
N ASN B 18 -20.11 -48.73 -50.10
CA ASN B 18 -20.63 -49.59 -51.18
C ASN B 18 -22.11 -49.96 -50.97
N HIS B 19 -22.88 -48.98 -50.51
CA HIS B 19 -24.32 -49.13 -50.24
C HIS B 19 -25.12 -49.60 -51.46
N GLU B 20 -24.62 -49.26 -52.65
CA GLU B 20 -25.25 -49.64 -53.93
C GLU B 20 -25.44 -51.13 -54.08
N MET B 21 -24.59 -51.91 -53.42
CA MET B 21 -24.63 -53.37 -53.56
C MET B 21 -25.55 -54.06 -52.53
N PHE B 22 -26.08 -53.29 -51.58
CA PHE B 22 -26.99 -53.80 -50.56
C PHE B 22 -28.44 -53.48 -50.90
N GLU B 23 -29.37 -54.18 -50.25
CA GLU B 23 -30.79 -54.01 -50.52
C GLU B 23 -31.52 -53.52 -49.27
N GLY B 24 -32.52 -52.66 -49.46
CA GLY B 24 -33.42 -52.23 -48.38
C GLY B 24 -32.67 -51.64 -47.20
N ASN B 25 -33.08 -52.04 -45.99
CA ASN B 25 -32.47 -51.57 -44.74
C ASN B 25 -30.96 -51.79 -44.65
N ASP B 26 -30.46 -52.80 -45.39
CA ASP B 26 -29.04 -53.17 -45.36
C ASP B 26 -28.12 -52.14 -46.05
N LYS B 27 -28.72 -51.16 -46.72
CA LYS B 27 -27.97 -50.06 -47.32
C LYS B 27 -27.41 -49.10 -46.27
N TYR B 28 -28.00 -49.11 -45.08
CA TYR B 28 -27.75 -48.06 -44.08
C TYR B 28 -27.06 -48.53 -42.80
N GLU B 29 -26.37 -47.60 -42.16
CA GLU B 29 -25.83 -47.82 -40.80
C GLU B 29 -25.89 -46.53 -40.00
N GLY B 30 -25.80 -46.65 -38.68
CA GLY B 30 -25.77 -45.48 -37.81
C GLY B 30 -26.54 -45.66 -36.51
N TYR B 31 -26.47 -44.65 -35.64
CA TYR B 31 -27.14 -44.67 -34.35
C TYR B 31 -28.63 -45.02 -34.44
N CYS B 32 -29.33 -44.38 -35.37
CA CYS B 32 -30.78 -44.56 -35.49
C CYS B 32 -31.15 -45.84 -36.23
N VAL B 33 -30.23 -46.33 -37.06
CA VAL B 33 -30.36 -47.66 -37.66
C VAL B 33 -30.31 -48.72 -36.55
N ASP B 34 -29.34 -48.57 -35.63
CA ASP B 34 -29.23 -49.48 -34.50
C ASP B 34 -30.41 -49.33 -33.55
N LEU B 35 -30.85 -48.09 -33.33
CA LEU B 35 -32.00 -47.84 -32.46
C LEU B 35 -33.28 -48.46 -33.02
N ALA B 36 -33.46 -48.35 -34.34
CA ALA B 36 -34.59 -48.97 -35.04
C ALA B 36 -34.59 -50.48 -34.82
N SER B 37 -33.43 -51.11 -34.98
CA SER B 37 -33.30 -52.55 -34.75
C SER B 37 -33.64 -52.94 -33.31
N GLU B 38 -33.13 -52.18 -32.35
CA GLU B 38 -33.39 -52.40 -30.92
C GLU B 38 -34.87 -52.31 -30.60
N ILE B 39 -35.51 -51.23 -31.06
CA ILE B 39 -36.93 -51.02 -30.77
C ILE B 39 -37.80 -52.11 -31.40
N ALA B 40 -37.56 -52.40 -32.67
CA ALA B 40 -38.28 -53.46 -33.40
C ALA B 40 -38.18 -54.82 -32.72
N LYS B 41 -37.00 -55.12 -32.16
CA LYS B 41 -36.79 -56.35 -31.41
C LYS B 41 -37.63 -56.36 -30.13
N HIS B 42 -37.65 -55.23 -29.43
CA HIS B 42 -38.39 -55.11 -28.18
C HIS B 42 -39.90 -55.17 -28.38
N ILE B 43 -40.41 -54.55 -29.44
CA ILE B 43 -41.85 -54.45 -29.62
C ILE B 43 -42.41 -55.49 -30.62
N GLY B 44 -41.51 -56.22 -31.29
CA GLY B 44 -41.87 -57.33 -32.15
C GLY B 44 -42.51 -56.92 -33.47
N ILE B 45 -41.81 -56.08 -34.23
CA ILE B 45 -42.30 -55.61 -35.52
C ILE B 45 -41.28 -55.78 -36.64
N LYS B 46 -41.77 -55.96 -37.85
CA LYS B 46 -40.94 -55.90 -39.06
C LYS B 46 -41.02 -54.48 -39.58
N TYR B 47 -39.92 -53.97 -40.11
CA TYR B 47 -39.90 -52.56 -40.54
C TYR B 47 -39.11 -52.33 -41.82
N LYS B 48 -39.45 -51.26 -42.52
CA LYS B 48 -38.69 -50.81 -43.68
C LYS B 48 -38.31 -49.34 -43.51
N ILE B 49 -37.02 -49.06 -43.63
CA ILE B 49 -36.50 -47.70 -43.59
C ILE B 49 -36.86 -46.97 -44.89
N ALA B 50 -37.50 -45.80 -44.73
CA ALA B 50 -37.82 -44.94 -45.85
C ALA B 50 -37.28 -43.55 -45.58
N ILE B 51 -36.24 -43.17 -46.31
CA ILE B 51 -35.63 -41.86 -46.15
C ILE B 51 -36.63 -40.79 -46.61
N VAL B 52 -36.88 -39.81 -45.75
CA VAL B 52 -37.84 -38.74 -46.02
C VAL B 52 -37.58 -38.10 -47.38
N PRO B 53 -38.56 -38.21 -48.31
CA PRO B 53 -38.40 -37.68 -49.68
C PRO B 53 -37.91 -36.23 -49.82
N ASP B 54 -38.45 -35.30 -49.03
CA ASP B 54 -38.03 -33.89 -49.15
C ASP B 54 -36.76 -33.53 -48.35
N GLY B 55 -36.25 -34.47 -47.56
CA GLY B 55 -35.00 -34.28 -46.81
C GLY B 55 -35.06 -33.33 -45.63
N LYS B 56 -36.28 -33.14 -45.10
CA LYS B 56 -36.51 -32.16 -44.04
C LYS B 56 -36.92 -32.82 -42.72
N TYR B 57 -36.67 -32.12 -41.62
CA TYR B 57 -37.10 -32.60 -40.31
C TYR B 57 -38.61 -32.45 -40.14
N GLY B 58 -39.10 -31.23 -40.25
CA GLY B 58 -40.54 -31.02 -40.24
C GLY B 58 -40.97 -29.68 -39.73
N ALA B 59 -41.63 -28.93 -40.60
CA ALA B 59 -42.17 -27.63 -40.26
C ALA B 59 -43.53 -27.45 -40.92
N ARG B 60 -44.37 -26.60 -40.33
CA ARG B 60 -45.70 -26.34 -40.86
C ARG B 60 -45.73 -25.04 -41.66
N ASP B 61 -46.16 -25.15 -42.91
CA ASP B 61 -46.25 -23.98 -43.79
C ASP B 61 -47.28 -22.98 -43.28
N ALA B 62 -46.81 -21.78 -42.93
CA ALA B 62 -47.70 -20.73 -42.43
C ALA B 62 -48.60 -20.19 -43.54
N ASP B 63 -48.58 -20.87 -44.69
CA ASP B 63 -49.39 -20.45 -45.82
C ASP B 63 -50.48 -21.48 -46.13
N THR B 64 -50.05 -22.72 -46.38
CA THR B 64 -50.98 -23.80 -46.69
C THR B 64 -51.22 -24.68 -45.47
N LYS B 65 -50.53 -24.38 -44.37
CA LYS B 65 -50.67 -25.14 -43.12
C LYS B 65 -50.32 -26.62 -43.27
N ILE B 66 -49.58 -26.95 -44.35
CA ILE B 66 -49.18 -28.33 -44.61
C ILE B 66 -47.83 -28.61 -43.96
N TRP B 67 -47.76 -29.73 -43.23
CA TRP B 67 -46.52 -30.20 -42.63
C TRP B 67 -45.61 -30.88 -43.65
N ASN B 68 -44.34 -30.50 -43.64
CA ASN B 68 -43.36 -31.15 -44.49
C ASN B 68 -42.45 -32.09 -43.68
N GLY B 69 -41.44 -32.66 -44.34
CA GLY B 69 -40.42 -33.45 -43.66
C GLY B 69 -40.97 -34.70 -42.99
N MET B 70 -40.24 -35.19 -41.99
CA MET B 70 -40.62 -36.41 -41.30
C MET B 70 -41.95 -36.25 -40.57
N VAL B 71 -42.17 -35.06 -40.01
CA VAL B 71 -43.43 -34.79 -39.34
C VAL B 71 -44.59 -34.96 -40.32
N GLY B 72 -44.42 -34.44 -41.54
CA GLY B 72 -45.41 -34.60 -42.60
C GLY B 72 -45.69 -36.06 -42.92
N GLU B 73 -44.65 -36.88 -43.04
CA GLU B 73 -44.84 -38.30 -43.38
C GLU B 73 -45.74 -39.01 -42.36
N LEU B 74 -45.58 -38.67 -41.08
CA LEU B 74 -46.44 -39.21 -40.02
C LEU B 74 -47.87 -38.64 -40.06
N VAL B 75 -47.96 -37.31 -40.14
CA VAL B 75 -49.24 -36.60 -40.13
C VAL B 75 -50.18 -37.07 -41.26
N TYR B 76 -49.63 -37.31 -42.44
CA TYR B 76 -50.40 -37.69 -43.62
C TYR B 76 -50.45 -39.20 -43.88
N GLY B 77 -49.91 -39.98 -42.94
CA GLY B 77 -50.03 -41.44 -42.97
C GLY B 77 -49.11 -42.16 -43.94
N LYS B 78 -48.02 -41.50 -44.33
CA LYS B 78 -47.03 -42.10 -45.24
C LYS B 78 -45.99 -42.96 -44.51
N ALA B 79 -45.93 -42.82 -43.19
CA ALA B 79 -45.03 -43.60 -42.36
C ALA B 79 -45.70 -43.85 -41.01
N GLU B 80 -45.30 -44.92 -40.33
CA GLU B 80 -45.94 -45.31 -39.08
C GLU B 80 -45.10 -44.93 -37.86
N ILE B 81 -43.82 -44.66 -38.08
CA ILE B 81 -42.92 -44.30 -37.00
C ILE B 81 -41.76 -43.46 -37.56
N ALA B 82 -41.26 -42.53 -36.74
CA ALA B 82 -40.11 -41.73 -37.06
C ALA B 82 -39.01 -42.09 -36.07
N ILE B 83 -37.91 -42.65 -36.54
CA ILE B 83 -36.74 -42.97 -35.71
C ILE B 83 -35.57 -42.18 -36.30
N ALA B 84 -35.46 -40.95 -35.83
CA ALA B 84 -34.42 -40.01 -36.22
C ALA B 84 -34.15 -38.99 -35.11
N PRO B 85 -33.16 -38.08 -35.28
CA PRO B 85 -32.87 -37.03 -34.31
C PRO B 85 -33.96 -35.96 -34.48
N LEU B 86 -35.18 -36.32 -34.08
CA LEU B 86 -36.33 -35.44 -34.20
C LEU B 86 -36.63 -34.83 -32.84
N THR B 87 -36.48 -33.50 -32.75
CA THR B 87 -36.67 -32.79 -31.49
C THR B 87 -38.13 -32.74 -31.04
N ILE B 88 -38.33 -33.02 -29.76
CA ILE B 88 -39.63 -32.92 -29.11
C ILE B 88 -39.96 -31.44 -28.90
N THR B 89 -41.03 -30.97 -29.55
CA THR B 89 -41.45 -29.57 -29.43
C THR B 89 -42.96 -29.46 -29.22
N LEU B 90 -43.41 -28.33 -28.69
CA LEU B 90 -44.85 -28.08 -28.48
C LEU B 90 -45.65 -28.22 -29.77
N VAL B 91 -45.23 -27.54 -30.83
CA VAL B 91 -46.00 -27.55 -32.08
C VAL B 91 -46.09 -28.95 -32.70
N ARG B 92 -45.02 -29.72 -32.57
CA ARG B 92 -45.03 -31.10 -33.06
C ARG B 92 -45.90 -32.00 -32.18
N GLU B 93 -45.82 -31.81 -30.87
CA GLU B 93 -46.63 -32.60 -29.93
C GLU B 93 -48.13 -32.41 -30.14
N GLU B 94 -48.51 -31.28 -30.74
CA GLU B 94 -49.91 -31.01 -31.06
C GLU B 94 -50.45 -31.86 -32.21
N VAL B 95 -49.55 -32.40 -33.04
CA VAL B 95 -49.95 -33.17 -34.23
C VAL B 95 -49.43 -34.63 -34.30
N ILE B 96 -48.36 -34.92 -33.57
CA ILE B 96 -47.83 -36.29 -33.44
C ILE B 96 -47.50 -36.59 -31.97
N ASP B 97 -47.20 -37.85 -31.65
CA ASP B 97 -46.75 -38.23 -30.32
C ASP B 97 -45.26 -38.51 -30.31
N PHE B 98 -44.63 -38.31 -29.15
CA PHE B 98 -43.20 -38.61 -28.97
C PHE B 98 -43.02 -39.53 -27.78
N SER B 99 -42.08 -40.47 -27.89
CA SER B 99 -41.57 -41.20 -26.73
C SER B 99 -40.87 -40.20 -25.82
N LYS B 100 -40.63 -40.59 -24.57
CA LYS B 100 -39.66 -39.91 -23.73
C LYS B 100 -38.29 -39.86 -24.45
N PRO B 101 -37.44 -38.87 -24.13
CA PRO B 101 -36.22 -38.65 -24.91
C PRO B 101 -35.27 -39.84 -24.95
N PHE B 102 -34.72 -40.13 -26.12
CA PHE B 102 -33.64 -41.12 -26.22
C PHE B 102 -32.26 -40.45 -26.21
N MET B 103 -32.24 -39.13 -26.37
CA MET B 103 -31.02 -38.34 -26.35
C MET B 103 -31.37 -36.95 -25.85
N SER B 104 -30.48 -36.39 -25.01
CA SER B 104 -30.62 -35.04 -24.46
C SER B 104 -29.63 -34.10 -25.14
N LEU B 105 -30.07 -32.89 -25.44
CA LEU B 105 -29.26 -31.97 -26.24
C LEU B 105 -29.73 -30.54 -26.11
N GLY B 106 -28.98 -29.62 -26.74
CA GLY B 106 -29.41 -28.23 -26.87
C GLY B 106 -28.77 -27.58 -28.07
N ILE B 107 -29.31 -26.45 -28.50
CA ILE B 107 -28.71 -25.68 -29.60
C ILE B 107 -27.32 -25.19 -29.17
N SER B 108 -26.39 -25.21 -30.12
CA SER B 108 -24.99 -24.88 -29.84
C SER B 108 -24.38 -24.13 -31.02
N ILE B 109 -23.18 -23.59 -30.80
CA ILE B 109 -22.47 -22.83 -31.81
C ILE B 109 -21.29 -23.63 -32.35
N MET B 110 -21.23 -23.78 -33.68
CA MET B 110 -20.08 -24.38 -34.34
C MET B 110 -19.27 -23.30 -35.05
N ILE B 111 -17.96 -23.30 -34.79
CA ILE B 111 -17.03 -22.39 -35.43
C ILE B 111 -15.91 -23.15 -36.13
N LYS B 112 -15.30 -22.51 -37.13
CA LYS B 112 -14.00 -22.95 -37.60
C LYS B 112 -12.99 -22.58 -36.51
N LYS B 113 -12.08 -23.50 -36.20
CA LYS B 113 -11.08 -23.25 -35.18
C LYS B 113 -10.38 -21.92 -35.40
N GLY B 114 -10.33 -21.14 -34.32
CA GLY B 114 -9.65 -19.85 -34.33
C GLY B 114 -10.59 -18.66 -34.46
N THR B 115 -11.86 -18.92 -34.75
CA THR B 115 -12.86 -17.86 -34.87
C THR B 115 -13.04 -17.16 -33.52
N PRO B 116 -12.89 -15.82 -33.48
CA PRO B 116 -13.04 -15.10 -32.20
C PRO B 116 -14.50 -14.98 -31.73
N ILE B 117 -15.11 -16.14 -31.46
CA ILE B 117 -16.48 -16.21 -30.94
C ILE B 117 -16.52 -17.31 -29.88
N GLU B 118 -17.09 -16.98 -28.72
CA GLU B 118 -17.26 -17.95 -27.63
C GLU B 118 -18.70 -18.04 -27.10
N SER B 119 -19.61 -17.24 -27.65
CA SER B 119 -21.00 -17.17 -27.15
C SER B 119 -21.97 -16.58 -28.16
N ALA B 120 -23.25 -16.74 -27.87
CA ALA B 120 -24.32 -16.16 -28.68
C ALA B 120 -24.27 -14.63 -28.60
N GLU B 121 -23.91 -14.10 -27.43
CA GLU B 121 -23.73 -12.65 -27.27
C GLU B 121 -22.61 -12.12 -28.17
N ASP B 122 -21.52 -12.89 -28.27
CA ASP B 122 -20.41 -12.57 -29.18
C ASP B 122 -20.86 -12.46 -30.63
N LEU B 123 -21.69 -13.41 -31.07
CA LEU B 123 -22.24 -13.38 -32.42
C LEU B 123 -23.12 -12.14 -32.65
N ALA B 124 -24.01 -11.89 -31.71
CA ALA B 124 -25.05 -10.85 -31.84
C ALA B 124 -24.51 -9.43 -31.85
N LYS B 125 -23.37 -9.20 -31.22
CA LYS B 125 -22.79 -7.85 -31.13
C LYS B 125 -21.85 -7.48 -32.28
N GLN B 126 -21.74 -8.34 -33.28
CA GLN B 126 -20.87 -8.06 -34.43
C GLN B 126 -21.54 -8.43 -35.77
N THR B 127 -20.92 -8.03 -36.88
CA THR B 127 -21.45 -8.28 -38.22
C THR B 127 -20.42 -8.88 -39.18
N GLU B 128 -19.16 -8.97 -38.73
CA GLU B 128 -18.05 -9.46 -39.57
C GLU B 128 -18.15 -10.96 -39.85
N ILE B 129 -18.72 -11.71 -38.91
CA ILE B 129 -18.91 -13.15 -39.03
C ILE B 129 -20.40 -13.44 -39.20
N ALA B 130 -20.75 -14.05 -40.32
CA ALA B 130 -22.14 -14.42 -40.61
C ALA B 130 -22.47 -15.72 -39.87
N TYR B 131 -23.76 -16.03 -39.76
CA TYR B 131 -24.18 -17.26 -39.08
C TYR B 131 -25.62 -17.62 -39.45
N GLY B 132 -25.93 -18.91 -39.42
CA GLY B 132 -27.25 -19.39 -39.80
C GLY B 132 -27.61 -20.72 -39.17
N THR B 133 -28.70 -21.30 -39.65
CA THR B 133 -29.20 -22.58 -39.14
C THR B 133 -29.69 -23.41 -40.33
N VAL B 134 -30.03 -24.66 -40.08
CA VAL B 134 -30.74 -25.47 -41.06
C VAL B 134 -32.20 -25.01 -41.18
N ASP B 135 -32.76 -25.14 -42.38
CA ASP B 135 -34.18 -24.88 -42.61
C ASP B 135 -35.05 -26.00 -42.08
N SER B 136 -36.32 -25.66 -41.88
CA SER B 136 -37.40 -26.63 -41.64
C SER B 136 -37.22 -27.49 -40.39
N GLY B 137 -36.58 -26.92 -39.37
CA GLY B 137 -36.34 -27.64 -38.12
C GLY B 137 -36.58 -26.82 -36.87
N SER B 138 -36.24 -27.41 -35.73
CA SER B 138 -36.52 -26.80 -34.43
C SER B 138 -35.59 -25.65 -34.08
N THR B 139 -34.37 -25.67 -34.64
CA THR B 139 -33.39 -24.60 -34.37
C THR B 139 -33.83 -23.27 -35.02
N LYS B 140 -34.27 -23.33 -36.27
CA LYS B 140 -34.77 -22.12 -36.93
C LYS B 140 -36.00 -21.59 -36.15
N GLU B 141 -36.91 -22.48 -35.80
CA GLU B 141 -38.08 -22.11 -35.01
C GLU B 141 -37.71 -21.46 -33.68
N PHE B 142 -36.69 -22.00 -33.01
CA PHE B 142 -36.20 -21.44 -31.74
C PHE B 142 -35.92 -19.95 -31.83
N PHE B 143 -35.16 -19.56 -32.86
CA PHE B 143 -34.80 -18.16 -33.03
C PHE B 143 -36.00 -17.30 -33.43
N ARG B 144 -36.85 -17.84 -34.33
CA ARG B 144 -38.10 -17.18 -34.74
C ARG B 144 -38.98 -16.83 -33.55
N ARG B 145 -39.06 -17.75 -32.58
CA ARG B 145 -40.01 -17.63 -31.47
C ARG B 145 -39.45 -17.01 -30.18
N SER B 146 -38.12 -16.89 -30.09
CA SER B 146 -37.48 -16.41 -28.89
C SER B 146 -37.86 -14.96 -28.55
N LYS B 147 -38.08 -14.72 -27.26
CA LYS B 147 -38.30 -13.38 -26.74
C LYS B 147 -37.12 -12.94 -25.86
N ILE B 148 -36.04 -13.73 -25.92
CA ILE B 148 -34.81 -13.40 -25.23
C ILE B 148 -33.99 -12.48 -26.13
N ALA B 149 -33.63 -11.31 -25.60
CA ALA B 149 -32.98 -10.23 -26.37
C ALA B 149 -31.88 -10.68 -27.31
N VAL B 150 -30.90 -11.41 -26.80
CA VAL B 150 -29.77 -11.88 -27.62
C VAL B 150 -30.25 -12.68 -28.84
N TYR B 151 -31.20 -13.60 -28.62
CA TYR B 151 -31.69 -14.46 -29.68
C TYR B 151 -32.60 -13.72 -30.65
N GLU B 152 -33.33 -12.72 -30.14
CA GLU B 152 -34.16 -11.86 -30.99
C GLU B 152 -33.30 -11.09 -31.98
N LYS B 153 -32.16 -10.58 -31.50
CA LYS B 153 -31.19 -9.86 -32.33
C LYS B 153 -30.65 -10.76 -33.44
N MET B 154 -30.31 -11.99 -33.06
CA MET B 154 -29.78 -12.98 -33.98
C MET B 154 -30.81 -13.34 -35.05
N TRP B 155 -32.06 -13.51 -34.64
CA TRP B 155 -33.13 -13.81 -35.60
C TRP B 155 -33.39 -12.65 -36.57
N THR B 156 -33.44 -11.43 -36.05
CA THR B 156 -33.65 -10.25 -36.87
C THR B 156 -32.60 -10.16 -37.97
N TYR B 157 -31.35 -10.43 -37.62
CA TYR B 157 -30.27 -10.54 -38.61
C TYR B 157 -30.45 -11.69 -39.60
N MET B 158 -30.59 -12.92 -39.08
CA MET B 158 -30.65 -14.10 -39.93
C MET B 158 -31.84 -14.09 -40.90
N ARG B 159 -32.99 -13.64 -40.42
CA ARG B 159 -34.23 -13.61 -41.21
C ARG B 159 -34.08 -12.77 -42.49
N SER B 160 -33.27 -11.70 -42.40
CA SER B 160 -33.13 -10.75 -43.51
C SER B 160 -31.79 -10.82 -44.26
N ALA B 161 -30.91 -11.72 -43.83
CA ALA B 161 -29.55 -11.82 -44.38
C ALA B 161 -29.52 -12.27 -45.84
N GLU B 162 -28.71 -11.60 -46.65
CA GLU B 162 -28.49 -11.98 -48.05
C GLU B 162 -27.02 -11.97 -48.41
N PRO B 163 -26.53 -13.04 -49.10
CA PRO B 163 -27.36 -14.22 -49.41
C PRO B 163 -27.80 -15.02 -48.17
N SER B 164 -28.76 -15.93 -48.39
CA SER B 164 -29.41 -16.67 -47.30
C SER B 164 -28.41 -17.40 -46.41
N VAL B 165 -28.60 -17.27 -45.09
CA VAL B 165 -27.75 -17.97 -44.12
C VAL B 165 -28.34 -19.32 -43.72
N PHE B 166 -29.56 -19.59 -44.17
CA PHE B 166 -30.22 -20.86 -43.90
C PHE B 166 -29.87 -21.91 -44.94
N THR B 167 -29.51 -23.09 -44.47
CA THR B 167 -29.07 -24.15 -45.36
C THR B 167 -30.11 -25.25 -45.45
N ARG B 168 -30.09 -25.97 -46.55
CA ARG B 168 -31.06 -27.04 -46.75
C ARG B 168 -30.80 -28.22 -45.83
N THR B 169 -29.52 -28.48 -45.54
CA THR B 169 -29.11 -29.59 -44.67
C THR B 169 -28.05 -29.16 -43.68
N THR B 170 -27.88 -29.96 -42.63
CA THR B 170 -26.81 -29.77 -41.66
C THR B 170 -25.43 -29.86 -42.31
N ALA B 171 -25.23 -30.87 -43.17
CA ALA B 171 -23.95 -31.04 -43.89
C ALA B 171 -23.54 -29.79 -44.67
N GLU B 172 -24.52 -29.13 -45.29
CA GLU B 172 -24.28 -27.89 -46.02
C GLU B 172 -23.83 -26.75 -45.11
N GLY B 173 -24.41 -26.67 -43.91
CA GLY B 173 -23.99 -25.69 -42.92
C GLY B 173 -22.57 -25.91 -42.45
N VAL B 174 -22.25 -27.17 -42.16
CA VAL B 174 -20.89 -27.55 -41.77
C VAL B 174 -19.86 -27.20 -42.86
N ALA B 175 -20.17 -27.55 -44.10
CA ALA B 175 -19.30 -27.27 -45.23
C ALA B 175 -19.06 -25.77 -45.38
N ARG B 176 -20.12 -25.00 -45.13
CA ARG B 176 -20.05 -23.54 -45.21
C ARG B 176 -19.10 -22.98 -44.14
N VAL B 177 -19.21 -23.49 -42.91
CA VAL B 177 -18.26 -23.15 -41.84
C VAL B 177 -16.81 -23.46 -42.28
N ARG B 178 -16.60 -24.68 -42.76
CA ARG B 178 -15.26 -25.16 -43.13
C ARG B 178 -14.60 -24.36 -44.24
N LYS B 179 -15.38 -23.85 -45.19
CA LYS B 179 -14.85 -23.14 -46.35
C LYS B 179 -14.76 -21.62 -46.21
N SER B 180 -15.30 -21.08 -45.11
CA SER B 180 -15.47 -19.63 -45.00
C SER B 180 -14.43 -18.89 -44.18
N LYS B 181 -13.34 -19.58 -43.84
CA LYS B 181 -12.17 -18.95 -43.19
C LYS B 181 -12.52 -18.21 -41.89
N GLY B 182 -13.43 -18.79 -41.12
CA GLY B 182 -13.87 -18.20 -39.86
C GLY B 182 -14.95 -17.14 -39.96
N LYS B 183 -15.42 -16.87 -41.18
CA LYS B 183 -16.38 -15.80 -41.39
C LYS B 183 -17.83 -16.31 -41.47
N PHE B 184 -18.02 -17.59 -41.22
CA PHE B 184 -19.35 -18.15 -41.02
C PHE B 184 -19.36 -19.11 -39.84
N ALA B 185 -20.34 -18.95 -38.96
CA ALA B 185 -20.57 -19.86 -37.85
C ALA B 185 -21.95 -20.49 -38.04
N PHE B 186 -22.17 -21.67 -37.47
CA PHE B 186 -23.42 -22.40 -37.71
C PHE B 186 -24.07 -22.80 -36.39
N LEU B 187 -25.37 -22.54 -36.29
CA LEU B 187 -26.14 -22.90 -35.11
C LEU B 187 -26.84 -24.23 -35.36
N LEU B 188 -26.49 -25.20 -34.52
CA LEU B 188 -26.99 -26.56 -34.66
C LEU B 188 -26.98 -27.26 -33.31
N GLU B 189 -27.68 -28.39 -33.23
CA GLU B 189 -27.79 -29.10 -31.97
C GLU B 189 -26.46 -29.70 -31.51
N SER B 190 -26.24 -29.70 -30.20
CA SER B 190 -24.97 -30.10 -29.58
C SER B 190 -24.47 -31.48 -30.03
N THR B 191 -25.41 -32.39 -30.21
CA THR B 191 -25.15 -33.75 -30.71
C THR B 191 -24.43 -33.76 -32.07
N MET B 192 -25.00 -33.05 -33.04
CA MET B 192 -24.37 -32.93 -34.37
C MET B 192 -23.03 -32.22 -34.29
N ASN B 193 -22.97 -31.16 -33.49
CA ASN B 193 -21.76 -30.37 -33.27
C ASN B 193 -20.60 -31.22 -32.71
N GLU B 194 -20.90 -31.96 -31.64
CA GLU B 194 -19.94 -32.84 -30.98
C GLU B 194 -19.43 -33.95 -31.90
N TYR B 195 -20.31 -34.44 -32.76
CA TYR B 195 -19.94 -35.45 -33.73
C TYR B 195 -18.91 -34.92 -34.72
N THR B 196 -19.28 -33.80 -35.36
CA THR B 196 -18.43 -33.13 -36.36
C THR B 196 -17.03 -32.81 -35.81
N GLU B 197 -16.97 -32.35 -34.55
CA GLU B 197 -15.70 -32.05 -33.87
C GLU B 197 -14.72 -33.23 -33.82
N GLN B 198 -15.24 -34.45 -33.92
CA GLN B 198 -14.39 -35.65 -33.86
C GLN B 198 -14.18 -36.29 -35.23
N ARG B 199 -14.46 -35.51 -36.27
CA ARG B 199 -14.33 -35.97 -37.66
C ARG B 199 -13.25 -35.16 -38.40
N LYS B 200 -12.44 -35.84 -39.18
CA LYS B 200 -11.45 -35.19 -40.06
C LYS B 200 -12.14 -34.20 -41.00
N PRO B 201 -11.47 -33.06 -41.30
CA PRO B 201 -10.10 -32.67 -40.93
C PRO B 201 -9.95 -31.94 -39.59
N CYS B 202 -10.87 -32.18 -38.66
CA CYS B 202 -10.74 -31.70 -37.27
C CYS B 202 -10.53 -30.17 -37.20
N ASP B 203 -11.32 -29.46 -37.98
CA ASP B 203 -11.14 -28.02 -38.14
C ASP B 203 -12.27 -27.19 -37.54
N THR B 204 -13.24 -27.88 -36.93
CA THR B 204 -14.38 -27.21 -36.29
C THR B 204 -14.42 -27.53 -34.80
N MET B 205 -15.14 -26.70 -34.05
CA MET B 205 -15.41 -27.00 -32.64
C MET B 205 -16.66 -26.30 -32.14
N LYS B 206 -17.22 -26.88 -31.08
CA LYS B 206 -18.33 -26.30 -30.33
C LYS B 206 -17.78 -25.29 -29.34
N VAL B 207 -18.39 -24.10 -29.29
CA VAL B 207 -18.02 -23.07 -28.31
C VAL B 207 -19.23 -22.62 -27.48
N GLY B 208 -18.95 -22.35 -26.20
CA GLY B 208 -19.97 -21.90 -25.26
C GLY B 208 -20.86 -23.04 -24.77
N GLY B 209 -21.85 -22.68 -23.95
CA GLY B 209 -22.82 -23.66 -23.49
C GLY B 209 -23.99 -23.75 -24.45
N ASN B 210 -24.84 -24.74 -24.23
CA ASN B 210 -26.05 -24.88 -25.04
C ASN B 210 -27.04 -23.76 -24.76
N LEU B 211 -27.79 -23.37 -25.79
CA LEU B 211 -28.78 -22.30 -25.69
C LEU B 211 -30.07 -22.77 -25.01
N ASP B 212 -30.34 -24.07 -25.05
CA ASP B 212 -31.53 -24.64 -24.44
C ASP B 212 -31.28 -26.07 -23.98
N SER B 213 -32.32 -26.71 -23.43
CA SER B 213 -32.25 -28.08 -22.94
C SER B 213 -33.51 -28.81 -23.38
N LYS B 214 -33.33 -29.85 -24.20
CA LYS B 214 -34.46 -30.59 -24.77
C LYS B 214 -34.05 -32.01 -25.13
N GLY B 215 -34.84 -32.68 -25.97
CA GLY B 215 -34.59 -34.08 -26.26
C GLY B 215 -35.10 -34.51 -27.61
N TYR B 216 -34.54 -35.61 -28.12
CA TYR B 216 -35.09 -36.29 -29.29
C TYR B 216 -36.02 -37.38 -28.81
N GLY B 217 -37.14 -37.57 -29.51
CA GLY B 217 -38.07 -38.65 -29.21
C GLY B 217 -38.39 -39.47 -30.45
N VAL B 218 -38.77 -40.73 -30.25
CA VAL B 218 -39.27 -41.57 -31.35
C VAL B 218 -40.74 -41.20 -31.56
N ALA B 219 -41.10 -40.79 -32.78
CA ALA B 219 -42.44 -40.25 -32.99
C ALA B 219 -43.38 -41.20 -33.72
N THR B 220 -44.66 -41.12 -33.37
CA THR B 220 -45.70 -41.94 -33.99
C THR B 220 -46.92 -41.05 -34.29
N PRO B 221 -47.75 -41.42 -35.28
CA PRO B 221 -48.94 -40.61 -35.55
C PRO B 221 -49.94 -40.73 -34.41
N LYS B 222 -50.76 -39.71 -34.19
CA LYS B 222 -51.83 -39.77 -33.18
C LYS B 222 -52.68 -41.01 -33.41
N GLY B 223 -53.00 -41.71 -32.32
CA GLY B 223 -53.85 -42.91 -32.38
C GLY B 223 -53.13 -44.22 -32.64
N SER B 224 -51.81 -44.16 -32.84
CA SER B 224 -50.99 -45.34 -33.11
C SER B 224 -50.98 -46.32 -31.94
N SER B 225 -51.17 -47.61 -32.25
CA SER B 225 -51.05 -48.67 -31.25
C SER B 225 -49.59 -48.88 -30.81
N LEU B 226 -48.66 -48.26 -31.53
CA LEU B 226 -47.22 -48.39 -31.23
C LEU B 226 -46.75 -47.40 -30.16
N ARG B 227 -47.58 -46.41 -29.86
CA ARG B 227 -47.23 -45.33 -28.93
C ARG B 227 -46.63 -45.85 -27.61
N THR B 228 -47.41 -46.64 -26.88
CA THR B 228 -46.97 -47.14 -25.57
C THR B 228 -45.80 -48.12 -25.65
N PRO B 229 -45.88 -49.18 -26.50
CA PRO B 229 -44.72 -50.05 -26.65
C PRO B 229 -43.43 -49.29 -26.98
N VAL B 230 -43.50 -48.30 -27.86
CA VAL B 230 -42.32 -47.50 -28.22
C VAL B 230 -41.75 -46.74 -27.02
N ASN B 231 -42.64 -46.12 -26.25
CA ASN B 231 -42.23 -45.37 -25.07
C ASN B 231 -41.52 -46.24 -24.03
N LEU B 232 -42.12 -47.38 -23.72
CA LEU B 232 -41.54 -48.33 -22.78
C LEU B 232 -40.22 -48.91 -23.30
N ALA B 233 -40.15 -49.17 -24.61
CA ALA B 233 -38.91 -49.67 -25.24
C ALA B 233 -37.76 -48.68 -25.08
N VAL B 234 -38.02 -47.39 -25.32
CA VAL B 234 -37.01 -46.34 -25.15
C VAL B 234 -36.50 -46.28 -23.71
N LEU B 235 -37.42 -46.34 -22.74
CA LEU B 235 -37.05 -46.29 -21.31
C LEU B 235 -36.25 -47.53 -20.89
N LYS B 236 -36.60 -48.68 -21.45
CA LYS B 236 -35.85 -49.92 -21.18
C LYS B 236 -34.43 -49.81 -21.70
N LEU B 237 -34.28 -49.29 -22.93
CA LEU B 237 -32.96 -49.13 -23.56
C LEU B 237 -32.13 -48.09 -22.82
N SER B 238 -32.78 -47.01 -22.40
CA SER B 238 -32.15 -46.00 -21.54
C SER B 238 -31.60 -46.63 -20.25
N GLU B 239 -32.47 -47.31 -19.52
CA GLU B 239 -32.12 -47.87 -18.22
C GLU B 239 -31.09 -49.00 -18.27
N ALA B 240 -31.05 -49.71 -19.39
CA ALA B 240 -30.12 -50.82 -19.57
C ALA B 240 -28.74 -50.34 -20.01
N GLY B 241 -28.61 -49.04 -20.23
CA GLY B 241 -27.34 -48.44 -20.66
C GLY B 241 -27.03 -48.59 -22.14
N VAL B 242 -28.01 -49.10 -22.91
CA VAL B 242 -27.82 -49.35 -24.35
C VAL B 242 -27.72 -48.05 -25.16
N LEU B 243 -28.50 -47.05 -24.77
CA LEU B 243 -28.43 -45.73 -25.42
C LEU B 243 -27.04 -45.09 -25.26
N ASP B 244 -26.46 -45.23 -24.06
CA ASP B 244 -25.10 -44.75 -23.80
C ASP B 244 -24.07 -45.50 -24.65
N LYS B 245 -24.22 -46.81 -24.75
CA LYS B 245 -23.32 -47.64 -25.58
C LYS B 245 -23.41 -47.22 -27.04
N LEU B 246 -24.62 -46.97 -27.53
CA LEU B 246 -24.85 -46.55 -28.91
C LEU B 246 -24.25 -45.17 -29.19
N LYS B 247 -24.40 -44.23 -28.27
CA LYS B 247 -23.74 -42.93 -28.43
C LYS B 247 -22.22 -43.04 -28.47
N ASN B 248 -21.64 -43.83 -27.57
CA ASN B 248 -20.19 -44.04 -27.57
C ASN B 248 -19.71 -44.68 -28.86
N LYS B 249 -20.49 -45.63 -29.37
CA LYS B 249 -20.17 -46.35 -30.60
C LYS B 249 -20.07 -45.41 -31.80
N TRP B 250 -21.04 -44.50 -31.93
CA TRP B 250 -21.16 -43.67 -33.13
C TRP B 250 -20.50 -42.29 -33.06
N TRP B 251 -20.22 -41.81 -31.86
CA TRP B 251 -19.58 -40.50 -31.67
C TRP B 251 -18.07 -40.62 -31.39
N TYR B 252 -17.71 -41.46 -30.43
CA TYR B 252 -16.37 -41.41 -29.85
C TYR B 252 -15.48 -42.60 -30.17
N ASP B 253 -16.06 -43.79 -30.25
CA ASP B 253 -15.32 -44.99 -30.56
C ASP B 253 -14.77 -44.89 -31.94
N LYS B 254 -15.52 -44.14 -32.73
CA LYS B 254 -15.23 -43.90 -34.11
C LYS B 254 -14.42 -42.60 -34.24
N GLY B 255 -14.17 -41.93 -33.11
CA GLY B 255 -13.43 -40.67 -33.07
C GLY B 255 -12.17 -40.60 -33.92
N GLU B 256 -11.95 -39.47 -34.60
CA GLU B 256 -10.86 -39.39 -35.57
C GLU B 256 -9.85 -38.28 -35.39
N CYS B 257 -10.21 -37.41 -34.48
CA CYS B 257 -9.41 -36.27 -34.05
C CYS B 257 -8.72 -36.38 -32.70
N GLU C . 33.42 31.64 35.05
CA GLU C . 33.80 31.95 33.63
C GLU C . 35.26 32.37 33.57
O GLU C . 35.77 32.67 32.48
CB GLU C . 32.98 33.12 33.08
CG GLU C . 31.79 32.82 32.19
CD GLU C . 31.99 31.69 31.22
OE1 GLU C . 32.95 31.68 30.42
OE2 GLU C . 31.11 30.81 31.22
OXT GLU C . 35.96 32.45 34.58
N GLU D . -33.41 -32.05 -34.52
CA GLU D . -33.90 -30.89 -35.31
C GLU D . -35.39 -31.06 -35.62
O GLU D . -35.98 -30.24 -36.32
CB GLU D . -33.14 -30.74 -36.64
CG GLU D . -31.86 -29.92 -36.63
CD GLU D . -32.03 -28.49 -36.14
OE1 GLU D . -33.06 -27.82 -36.41
OE2 GLU D . -31.10 -28.02 -35.47
OXT GLU D . -36.02 -32.02 -35.18
#